data_9NLO
#
_entry.id   9NLO
#
_cell.length_a   71.800
_cell.length_b   71.800
_cell.length_c   263.310
_cell.angle_alpha   90.000
_cell.angle_beta   90.000
_cell.angle_gamma   90.000
#
_symmetry.space_group_name_H-M   'P 43 21 2'
#
loop_
_entity.id
_entity.type
_entity.pdbx_description
1 polymer 'Signal peptidase I'
2 polymer 'ARYLOMYCIN A2'
3 non-polymer 1,2-ETHANEDIOL
4 non-polymer '10-METHYLUNDECANOIC ACID'
5 water water
#
loop_
_entity_poly.entity_id
_entity_poly.type
_entity_poly.pdbx_seq_one_letter_code
_entity_poly.pdbx_strand_id
1 'polypeptide(L)'
;MVRSFIYEAFQIPSGSMMPTLLIGDFILVEKFAYGIKDPIYQKTLIETGHPKRGDIVVFKYPEDPKLDYIKRAVGLPGDK
VTYDPVSKELTIQPGCSSGQACENALPVTYSNVEPSDFVQTFSRRNGGEATSGFFEVPKNETKENGIRLSERKETLGDVT
HRILTVPIAQDQVGMYYQQPGQQLATWIVPPGQYFMMGDNRDNSADSRYWGFVPEANLVGRATAIWMSFDKQEGEWPTGL
RLSRIGGIH
;
A,B
2 'polypeptide(L)' (DSE)(DAL)G(5PG)AY C,D
#
loop_
_chem_comp.id
_chem_comp.type
_chem_comp.name
_chem_comp.formula
EDO non-polymer 1,2-ETHANEDIOL 'C2 H6 O2'
M12 non-polymer '10-METHYLUNDECANOIC ACID' 'C12 H24 O2'
#
# COMPACT_ATOMS: atom_id res chain seq x y z
N PHE A 5 31.08 27.44 5.71
CA PHE A 5 29.84 26.61 5.55
C PHE A 5 29.57 25.86 6.86
N ILE A 6 28.30 25.83 7.28
CA ILE A 6 27.87 25.13 8.47
C ILE A 6 27.26 23.78 8.09
N TYR A 7 27.60 22.73 8.85
CA TYR A 7 27.29 21.35 8.48
C TYR A 7 26.43 20.69 9.56
N GLU A 8 25.54 19.78 9.13
CA GLU A 8 24.71 18.99 10.03
C GLU A 8 24.59 17.56 9.48
N ALA A 9 24.63 16.59 10.39
CA ALA A 9 24.56 15.18 10.07
C ALA A 9 23.14 14.66 10.30
N PHE A 10 22.73 13.68 9.48
CA PHE A 10 21.39 13.09 9.53
C PHE A 10 21.46 11.58 9.29
N GLN A 11 20.57 10.86 9.99
CA GLN A 11 20.36 9.45 9.75
C GLN A 11 19.24 9.32 8.72
N ILE A 12 19.35 8.27 7.90
CA ILE A 12 18.33 7.90 6.94
C ILE A 12 17.61 6.67 7.48
N PRO A 13 16.41 6.85 8.07
CA PRO A 13 15.63 5.74 8.61
C PRO A 13 14.74 5.03 7.59
N SER A 14 14.33 5.73 6.52
CA SER A 14 13.37 5.21 5.56
C SER A 14 14.02 4.91 4.21
N GLY A 15 13.23 4.39 3.26
CA GLY A 15 13.72 3.94 1.97
C GLY A 15 13.37 4.88 0.82
N SER A 16 12.85 6.08 1.11
CA SER A 16 12.26 6.93 0.09
C SER A 16 13.30 7.47 -0.90
N MET A 17 14.59 7.37 -0.58
CA MET A 17 15.61 7.86 -1.48
C MET A 17 16.49 6.73 -2.01
N MET A 18 16.03 5.47 -1.87
CA MET A 18 16.73 4.35 -2.46
C MET A 18 16.71 4.53 -3.98
N PRO A 19 17.72 4.09 -4.76
CA PRO A 19 18.89 3.38 -4.27
C PRO A 19 20.05 4.30 -3.89
N THR A 20 19.81 5.61 -3.99
CA THR A 20 20.86 6.60 -3.80
C THR A 20 21.25 6.68 -2.31
N LEU A 21 20.25 6.76 -1.43
CA LEU A 21 20.44 6.68 0.02
C LEU A 21 19.67 5.46 0.55
N LEU A 22 20.36 4.66 1.36
CA LEU A 22 19.78 3.47 1.95
C LEU A 22 19.46 3.70 3.43
N ILE A 23 18.48 2.93 3.92
CA ILE A 23 18.14 2.85 5.33
C ILE A 23 19.43 2.54 6.08
N GLY A 24 19.77 3.32 7.10
CA GLY A 24 20.98 3.07 7.86
C GLY A 24 22.19 3.92 7.41
N ASP A 25 22.03 4.73 6.36
CA ASP A 25 23.06 5.67 5.97
C ASP A 25 23.05 6.83 6.96
N PHE A 26 24.23 7.38 7.24
CA PHE A 26 24.36 8.69 7.87
C PHE A 26 25.01 9.66 6.89
N ILE A 27 24.38 10.81 6.72
CA ILE A 27 24.78 11.77 5.71
C ILE A 27 25.20 13.07 6.37
N LEU A 28 26.08 13.80 5.67
CA LEU A 28 26.44 15.16 6.01
C LEU A 28 25.68 16.10 5.07
N VAL A 29 25.07 17.14 5.65
CA VAL A 29 24.40 18.17 4.89
C VAL A 29 25.13 19.50 5.06
N GLU A 30 25.30 20.21 3.94
CA GLU A 30 25.84 21.55 3.88
C GLU A 30 24.68 22.54 3.89
N LYS A 31 24.55 23.32 4.97
CA LYS A 31 23.42 24.21 5.10
C LYS A 31 23.48 25.26 4.00
N PHE A 32 22.32 25.70 3.50
CA PHE A 32 22.30 26.75 2.50
C PHE A 32 22.69 28.05 3.20
N ALA A 33 23.43 28.90 2.49
CA ALA A 33 23.88 30.15 3.05
C ALA A 33 23.27 31.33 2.27
N TYR A 34 22.79 32.33 3.01
CA TYR A 34 22.58 33.66 2.47
C TYR A 34 23.96 34.23 2.15
N GLY A 35 24.09 34.90 1.00
CA GLY A 35 25.38 35.46 0.62
C GLY A 35 25.84 36.56 1.59
N ILE A 36 27.15 36.76 1.67
CA ILE A 36 27.73 37.91 2.34
C ILE A 36 28.39 38.77 1.26
N LYS A 37 27.68 39.82 0.81
CA LYS A 37 28.11 40.65 -0.30
C LYS A 37 28.50 42.04 0.22
N ASP A 38 29.58 42.61 -0.33
CA ASP A 38 30.00 43.96 0.00
C ASP A 38 29.49 44.89 -1.11
N PRO A 39 28.42 45.66 -0.85
CA PRO A 39 27.86 46.55 -1.88
C PRO A 39 28.71 47.78 -2.18
N ILE A 40 29.77 48.04 -1.39
CA ILE A 40 30.67 49.16 -1.64
C ILE A 40 31.53 48.86 -2.87
N TYR A 41 32.10 47.64 -2.93
CA TYR A 41 32.89 47.20 -4.07
C TYR A 41 32.01 46.34 -5.00
CA ILE A 46 30.15 34.38 -0.75
C ILE A 46 28.74 34.43 -1.32
N GLU A 47 28.45 33.54 -2.28
CA GLU A 47 27.22 33.59 -3.07
C GLU A 47 26.08 32.97 -2.27
N THR A 48 24.84 33.37 -2.61
CA THR A 48 23.64 32.91 -1.91
C THR A 48 23.33 31.47 -2.32
N GLY A 49 23.09 30.61 -1.31
CA GLY A 49 22.86 29.19 -1.51
C GLY A 49 21.42 28.91 -1.92
N HIS A 50 21.25 28.39 -3.14
CA HIS A 50 19.96 27.94 -3.66
C HIS A 50 20.08 26.49 -4.12
N PRO A 51 19.03 25.65 -3.97
CA PRO A 51 19.02 24.35 -4.64
C PRO A 51 19.21 24.51 -6.13
N LYS A 52 20.05 23.66 -6.73
CA LYS A 52 20.02 23.44 -8.18
C LYS A 52 19.05 22.28 -8.45
N ARG A 53 18.54 22.23 -9.67
CA ARG A 53 17.71 21.10 -10.06
C ARG A 53 18.52 19.81 -9.88
N GLY A 54 17.91 18.82 -9.21
CA GLY A 54 18.52 17.50 -9.04
C GLY A 54 19.25 17.33 -7.72
N ASP A 55 19.36 18.42 -6.93
CA ASP A 55 20.03 18.36 -5.65
C ASP A 55 19.21 17.55 -4.62
N ILE A 56 19.94 16.80 -3.81
CA ILE A 56 19.36 16.18 -2.63
C ILE A 56 19.35 17.22 -1.51
N VAL A 57 18.11 17.59 -1.10
CA VAL A 57 17.86 18.62 -0.13
C VAL A 57 17.16 18.07 1.11
N VAL A 58 17.69 18.43 2.29
CA VAL A 58 16.97 18.33 3.55
C VAL A 58 16.16 19.59 3.76
N PHE A 59 14.93 19.42 4.27
CA PHE A 59 14.01 20.52 4.48
C PHE A 59 13.03 20.15 5.59
N LYS A 60 12.39 21.19 6.13
CA LYS A 60 11.42 21.03 7.22
C LYS A 60 10.06 20.77 6.57
N TYR A 61 9.45 19.67 7.00
CA TYR A 61 8.13 19.31 6.54
C TYR A 61 7.22 20.52 6.74
N PRO A 62 6.58 21.07 5.68
CA PRO A 62 5.76 22.28 5.81
C PRO A 62 4.59 22.17 6.80
N GLU A 63 3.93 21.00 6.82
CA GLU A 63 2.72 20.81 7.63
C GLU A 63 3.07 20.54 9.10
N ASP A 64 4.21 19.89 9.37
CA ASP A 64 4.74 19.76 10.72
C ASP A 64 6.24 20.11 10.74
N PRO A 65 6.59 21.41 10.88
CA PRO A 65 7.98 21.87 10.80
C PRO A 65 8.97 21.29 11.81
N LYS A 66 8.54 20.37 12.69
CA LYS A 66 9.45 19.73 13.63
C LYS A 66 10.10 18.49 13.02
N LEU A 67 9.67 18.07 11.81
CA LEU A 67 10.22 16.89 11.15
C LEU A 67 11.09 17.31 9.97
N ASP A 68 12.24 16.64 9.83
CA ASP A 68 13.14 16.84 8.70
C ASP A 68 12.82 15.81 7.61
N TYR A 69 12.66 16.28 6.38
CA TYR A 69 12.52 15.39 5.23
C TYR A 69 13.73 15.57 4.31
N ILE A 70 14.03 14.52 3.54
CA ILE A 70 15.05 14.55 2.49
C ILE A 70 14.48 14.00 1.19
N LYS A 71 14.47 14.86 0.16
CA LYS A 71 14.05 14.50 -1.18
C LYS A 71 15.00 15.12 -2.20
N ARG A 72 14.65 14.93 -3.48
CA ARG A 72 15.40 15.53 -4.56
C ARG A 72 14.58 16.70 -5.10
N ALA A 73 15.25 17.82 -5.35
CA ALA A 73 14.61 19.00 -5.91
C ALA A 73 14.53 18.84 -7.42
N VAL A 74 13.37 18.43 -7.94
CA VAL A 74 13.21 18.24 -9.36
C VAL A 74 12.55 19.45 -9.97
N GLY A 75 11.83 20.22 -9.15
CA GLY A 75 11.11 21.40 -9.61
C GLY A 75 11.61 22.67 -8.89
N LEU A 76 12.03 23.64 -9.71
CA LEU A 76 12.49 24.94 -9.28
C LEU A 76 11.39 25.97 -9.51
N PRO A 77 11.44 27.12 -8.80
CA PRO A 77 10.52 28.24 -9.02
C PRO A 77 10.25 28.50 -10.50
N GLY A 78 8.97 28.56 -10.89
CA GLY A 78 8.62 28.76 -12.29
C GLY A 78 8.45 27.47 -13.10
N ASP A 79 8.99 26.33 -12.63
CA ASP A 79 8.91 25.08 -13.40
C ASP A 79 7.46 24.60 -13.52
N LYS A 80 7.04 24.25 -14.74
CA LYS A 80 5.85 23.45 -14.95
C LYS A 80 6.24 21.96 -14.92
N VAL A 81 5.81 21.26 -13.87
CA VAL A 81 6.14 19.86 -13.67
C VAL A 81 4.92 19.01 -14.02
N THR A 82 5.13 18.01 -14.90
CA THR A 82 4.12 17.02 -15.20
C THR A 82 4.70 15.62 -14.93
N TYR A 83 3.91 14.80 -14.21
CA TYR A 83 4.27 13.42 -13.95
C TYR A 83 3.23 12.51 -14.60
N ASP A 84 3.73 11.60 -15.45
CA ASP A 84 2.91 10.57 -16.04
C ASP A 84 2.96 9.34 -15.12
N PRO A 85 1.86 8.99 -14.44
CA PRO A 85 1.89 7.94 -13.43
C PRO A 85 2.05 6.55 -14.04
N VAL A 86 1.75 6.41 -15.33
CA VAL A 86 1.81 5.12 -16.01
C VAL A 86 3.27 4.80 -16.34
N SER A 87 3.93 5.70 -17.07
CA SER A 87 5.32 5.50 -17.44
C SER A 87 6.24 5.85 -16.26
N LYS A 88 5.73 6.65 -15.31
CA LYS A 88 6.51 7.10 -14.15
C LYS A 88 7.68 7.97 -14.60
N GLU A 89 7.39 8.92 -15.49
CA GLU A 89 8.37 9.82 -16.05
C GLU A 89 7.92 11.27 -15.87
N LEU A 90 8.89 12.14 -15.53
CA LEU A 90 8.69 13.58 -15.40
C LEU A 90 8.84 14.28 -16.75
N THR A 91 8.03 15.34 -16.96
CA THR A 91 8.29 16.38 -17.95
C THR A 91 8.39 17.71 -17.23
N ILE A 92 9.39 18.53 -17.59
CA ILE A 92 9.65 19.79 -16.90
C ILE A 92 9.84 20.89 -17.93
N GLN A 93 9.04 21.96 -17.81
CA GLN A 93 9.14 23.14 -18.67
C GLN A 93 9.57 24.32 -17.80
N PRO A 94 10.86 24.74 -17.83
CA PRO A 94 11.31 25.87 -17.02
C PRO A 94 10.67 27.21 -17.37
N GLY A 95 10.53 28.08 -16.35
CA GLY A 95 10.09 29.45 -16.50
C GLY A 95 8.73 29.59 -17.19
N CYS A 96 7.70 28.91 -16.67
CA CYS A 96 6.37 28.90 -17.27
C CYS A 96 5.29 29.35 -16.27
N ASN A 104 9.90 26.50 -23.87
CA ASN A 104 11.10 26.04 -23.12
C ASN A 104 10.82 24.67 -22.51
N ALA A 105 11.65 23.66 -22.83
CA ALA A 105 11.52 22.32 -22.27
C ALA A 105 12.87 21.82 -21.78
N LEU A 106 12.93 21.40 -20.52
CA LEU A 106 14.16 20.85 -19.98
C LEU A 106 14.45 19.52 -20.65
N PRO A 107 15.69 19.27 -21.17
CA PRO A 107 16.08 17.93 -21.58
C PRO A 107 16.03 16.92 -20.43
N VAL A 108 15.14 15.94 -20.56
CA VAL A 108 14.95 14.89 -19.57
C VAL A 108 15.09 13.57 -20.31
N THR A 109 15.96 12.68 -19.81
CA THR A 109 16.11 11.38 -20.44
C THR A 109 15.97 10.29 -19.38
N TYR A 110 15.59 9.10 -19.85
CA TYR A 110 15.40 7.91 -19.04
C TYR A 110 16.09 6.74 -19.73
N SER A 111 16.80 5.92 -18.94
CA SER A 111 17.45 4.75 -19.48
C SER A 111 16.49 3.54 -19.45
N ASN A 112 16.96 2.42 -20.00
CA ASN A 112 16.23 1.17 -20.01
C ASN A 112 15.99 0.70 -18.57
N VAL A 113 14.77 0.30 -18.25
CA VAL A 113 14.48 -0.37 -16.98
C VAL A 113 15.28 -1.67 -16.88
N GLU A 114 15.87 -1.91 -15.72
CA GLU A 114 16.54 -3.16 -15.43
C GLU A 114 16.26 -3.57 -13.97
N PRO A 115 16.40 -4.86 -13.61
CA PRO A 115 16.20 -5.29 -12.24
C PRO A 115 17.16 -4.61 -11.28
N SER A 116 16.66 -4.18 -10.13
CA SER A 116 17.51 -3.56 -9.15
C SER A 116 18.05 -4.64 -8.20
N ASP A 117 18.87 -4.20 -7.25
CA ASP A 117 19.42 -5.06 -6.21
C ASP A 117 18.39 -5.32 -5.11
N PHE A 118 17.21 -4.66 -5.16
CA PHE A 118 16.31 -4.65 -4.03
C PHE A 118 15.01 -5.38 -4.37
N VAL A 119 14.49 -6.08 -3.36
CA VAL A 119 13.16 -6.64 -3.39
C VAL A 119 12.39 -5.98 -2.26
N GLN A 120 11.11 -5.67 -2.50
CA GLN A 120 10.24 -5.18 -1.44
C GLN A 120 9.21 -6.26 -1.08
N THR A 121 8.98 -6.48 0.22
CA THR A 121 8.18 -7.63 0.65
C THR A 121 6.70 -7.29 0.75
N PHE A 122 6.32 -6.40 1.67
CA PHE A 122 4.91 -6.06 1.82
C PHE A 122 4.12 -7.27 2.37
N THR A 131 3.53 -3.94 7.08
CA THR A 131 3.84 -2.79 6.19
C THR A 131 4.65 -3.33 5.01
N SER A 132 5.84 -2.77 4.79
CA SER A 132 6.76 -3.29 3.79
C SER A 132 8.19 -3.14 4.31
N GLY A 133 9.04 -4.10 3.94
CA GLY A 133 10.48 -3.98 4.11
C GLY A 133 11.16 -4.05 2.75
N PHE A 134 12.43 -3.64 2.71
CA PHE A 134 13.24 -3.75 1.52
C PHE A 134 14.37 -4.66 1.88
N PHE A 135 14.83 -5.46 0.90
CA PHE A 135 15.93 -6.38 1.12
C PHE A 135 16.83 -6.30 -0.10
N GLU A 136 18.13 -6.23 0.16
CA GLU A 136 19.11 -6.42 -0.89
C GLU A 136 19.16 -7.91 -1.18
N VAL A 137 18.72 -8.28 -2.38
CA VAL A 137 18.64 -9.67 -2.79
C VAL A 137 19.38 -9.76 -4.12
N PRO A 138 20.36 -10.67 -4.27
CA PRO A 138 21.14 -10.70 -5.51
C PRO A 138 20.25 -11.06 -6.69
N LYS A 139 20.56 -10.46 -7.85
CA LYS A 139 19.69 -10.52 -9.02
C LYS A 139 19.44 -11.96 -9.46
N ASN A 140 20.27 -12.92 -9.02
CA ASN A 140 20.10 -14.31 -9.44
C ASN A 140 19.05 -15.01 -8.57
N GLU A 141 18.76 -14.48 -7.37
CA GLU A 141 17.89 -15.14 -6.42
C GLU A 141 16.48 -14.53 -6.44
N THR A 142 15.57 -15.15 -5.68
CA THR A 142 14.22 -14.63 -5.47
C THR A 142 13.87 -14.74 -3.99
N LYS A 143 12.75 -14.12 -3.61
CA LYS A 143 12.32 -14.09 -2.22
C LYS A 143 10.80 -14.15 -2.18
N GLU A 144 10.27 -14.94 -1.24
CA GLU A 144 8.85 -15.19 -1.14
C GLU A 144 8.16 -13.92 -0.64
N ASN A 145 6.98 -13.63 -1.20
CA ASN A 145 6.14 -12.55 -0.72
C ASN A 145 6.76 -11.21 -1.11
N GLY A 146 7.48 -11.22 -2.23
CA GLY A 146 8.33 -10.11 -2.62
C GLY A 146 8.05 -9.71 -4.08
N ILE A 147 8.44 -8.48 -4.42
CA ILE A 147 8.51 -8.03 -5.81
C ILE A 147 9.87 -7.38 -6.00
N ARG A 148 10.56 -7.80 -7.06
CA ARG A 148 11.79 -7.15 -7.50
C ARG A 148 11.50 -5.72 -7.96
N LEU A 149 12.22 -4.75 -7.39
CA LEU A 149 12.11 -3.38 -7.87
C LEU A 149 12.90 -3.22 -9.16
N SER A 150 12.39 -2.37 -10.05
CA SER A 150 13.12 -1.96 -11.23
C SER A 150 13.95 -0.73 -10.90
N GLU A 151 15.00 -0.53 -11.71
CA GLU A 151 15.90 0.59 -11.57
C GLU A 151 16.11 1.22 -12.94
N ARG A 152 16.23 2.55 -12.97
CA ARG A 152 16.66 3.21 -14.19
C ARG A 152 17.33 4.54 -13.85
N LYS A 153 17.97 5.11 -14.87
CA LYS A 153 18.61 6.41 -14.72
C LYS A 153 17.67 7.47 -15.25
N GLU A 154 17.49 8.52 -14.44
CA GLU A 154 16.77 9.73 -14.82
C GLU A 154 17.79 10.85 -14.95
N THR A 155 17.78 11.57 -16.08
CA THR A 155 18.64 12.73 -16.29
C THR A 155 17.75 13.96 -16.36
N LEU A 156 17.96 14.90 -15.43
CA LEU A 156 17.26 16.19 -15.45
C LEU A 156 18.27 17.27 -15.81
N GLY A 157 18.13 17.85 -17.00
CA GLY A 157 19.17 18.75 -17.50
C GLY A 157 20.51 18.02 -17.54
N ASP A 158 21.43 18.41 -16.64
CA ASP A 158 22.81 17.95 -16.63
C ASP A 158 23.07 16.95 -15.50
N VAL A 159 22.06 16.63 -14.68
CA VAL A 159 22.25 15.74 -13.54
C VAL A 159 21.56 14.40 -13.81
N THR A 160 22.31 13.31 -13.62
CA THR A 160 21.84 11.94 -13.72
C THR A 160 21.82 11.31 -12.33
N HIS A 161 20.75 10.58 -12.01
CA HIS A 161 20.64 9.82 -10.77
C HIS A 161 19.73 8.62 -11.06
N ARG A 162 19.71 7.65 -10.13
CA ARG A 162 18.93 6.45 -10.26
C ARG A 162 17.59 6.65 -9.56
N ILE A 163 16.55 6.00 -10.11
CA ILE A 163 15.27 5.84 -9.44
C ILE A 163 14.89 4.36 -9.41
N LEU A 164 14.04 4.02 -8.44
CA LEU A 164 13.47 2.70 -8.33
C LEU A 164 11.98 2.83 -8.60
N THR A 165 11.42 1.79 -9.23
CA THR A 165 9.97 1.70 -9.41
C THR A 165 9.51 0.30 -9.01
N VAL A 166 8.31 0.25 -8.44
CA VAL A 166 7.61 -0.98 -8.13
C VAL A 166 6.72 -1.32 -9.32
N PRO A 167 6.98 -2.44 -10.02
CA PRO A 167 6.20 -2.78 -11.22
C PRO A 167 4.70 -3.06 -11.00
N ILE A 168 4.27 -3.36 -9.78
CA ILE A 168 2.85 -3.58 -9.54
C ILE A 168 2.23 -2.35 -8.88
N ALA A 169 2.93 -1.21 -8.89
CA ALA A 169 2.41 -0.01 -8.26
C ALA A 169 2.12 1.03 -9.31
N GLN A 170 1.20 1.93 -8.98
CA GLN A 170 0.95 3.08 -9.81
C GLN A 170 0.18 4.08 -8.97
N ASP A 171 0.57 5.37 -9.04
CA ASP A 171 -0.05 6.37 -8.19
C ASP A 171 -1.53 6.50 -8.54
N GLN A 172 -2.33 6.84 -7.53
CA GLN A 172 -3.71 7.23 -7.75
C GLN A 172 -3.76 8.76 -7.76
N VAL A 173 -3.95 9.32 -8.94
CA VAL A 173 -3.73 10.75 -9.12
C VAL A 173 -4.75 11.54 -8.30
N GLY A 174 -5.96 10.99 -8.13
CA GLY A 174 -6.97 11.60 -7.28
C GLY A 174 -6.49 11.84 -5.85
N MET A 175 -5.43 11.16 -5.42
CA MET A 175 -4.88 11.38 -4.10
C MET A 175 -3.78 12.45 -4.11
N TYR A 176 -3.46 13.02 -5.27
CA TYR A 176 -2.39 14.01 -5.32
C TYR A 176 -2.85 15.33 -4.68
N TYR A 177 -1.90 16.06 -4.12
CA TYR A 177 -2.07 17.49 -3.96
C TYR A 177 -2.40 18.07 -5.32
N GLN A 178 -3.55 18.74 -5.42
CA GLN A 178 -3.98 19.36 -6.67
C GLN A 178 -3.88 20.87 -6.53
N GLN A 179 -3.11 21.49 -7.43
CA GLN A 179 -2.86 22.92 -7.35
C GLN A 179 -4.04 23.63 -7.99
N PRO A 180 -4.72 24.58 -7.27
CA PRO A 180 -5.81 25.35 -7.85
C PRO A 180 -5.42 25.96 -9.19
N GLY A 181 -6.23 25.68 -10.22
CA GLY A 181 -5.99 26.17 -11.56
C GLY A 181 -5.44 25.09 -12.48
N GLN A 182 -4.97 23.99 -11.88
CA GLN A 182 -4.19 23.01 -12.63
C GLN A 182 -4.90 21.66 -12.68
N GLN A 183 -4.73 20.98 -13.82
CA GLN A 183 -5.13 19.59 -13.94
C GLN A 183 -4.36 18.74 -12.93
N LEU A 184 -4.89 17.56 -12.63
CA LEU A 184 -4.23 16.61 -11.75
C LEU A 184 -2.94 16.13 -12.41
N ALA A 185 -1.87 15.98 -11.61
CA ALA A 185 -0.58 15.48 -12.08
C ALA A 185 0.21 16.54 -12.85
N THR A 186 -0.19 17.81 -12.79
CA THR A 186 0.63 18.89 -13.33
C THR A 186 0.66 20.03 -12.30
N TRP A 187 1.87 20.56 -12.06
CA TRP A 187 2.06 21.62 -11.09
C TRP A 187 2.96 22.72 -11.66
N ILE A 188 2.73 23.97 -11.23
CA ILE A 188 3.59 25.08 -11.60
C ILE A 188 4.17 25.63 -10.30
N VAL A 189 5.50 25.57 -10.18
CA VAL A 189 6.14 25.82 -8.90
C VAL A 189 6.09 27.32 -8.63
N PRO A 190 5.42 27.77 -7.54
CA PRO A 190 5.39 29.18 -7.20
C PRO A 190 6.78 29.75 -6.90
N PRO A 191 7.01 31.06 -7.15
CA PRO A 191 8.28 31.69 -6.82
C PRO A 191 8.66 31.47 -5.35
N GLY A 192 9.94 31.14 -5.13
CA GLY A 192 10.47 30.93 -3.80
C GLY A 192 10.12 29.57 -3.21
N GLN A 193 9.61 28.65 -4.06
CA GLN A 193 9.17 27.33 -3.61
C GLN A 193 9.75 26.23 -4.50
N TYR A 194 9.72 25.00 -3.97
CA TYR A 194 10.31 23.85 -4.65
C TYR A 194 9.38 22.64 -4.68
N PHE A 195 9.52 21.85 -5.75
CA PHE A 195 8.83 20.59 -5.94
C PHE A 195 9.83 19.45 -5.72
N MET A 196 9.56 18.65 -4.68
CA MET A 196 10.47 17.61 -4.22
C MET A 196 9.94 16.21 -4.56
N MET A 197 10.83 15.31 -4.97
CA MET A 197 10.46 13.93 -5.18
C MET A 197 11.55 12.96 -4.74
N GLY A 198 11.12 11.80 -4.22
CA GLY A 198 12.03 10.79 -3.73
C GLY A 198 12.46 9.89 -4.88
N ASP A 199 13.66 9.35 -4.79
CA ASP A 199 14.20 8.46 -5.82
C ASP A 199 13.49 7.11 -5.83
N ASN A 200 12.92 6.69 -4.69
CA ASN A 200 12.14 5.46 -4.62
C ASN A 200 10.69 5.83 -4.92
N ARG A 201 10.39 5.95 -6.21
CA ARG A 201 9.28 6.77 -6.68
C ARG A 201 7.90 6.24 -6.28
N ASP A 202 7.78 4.93 -6.01
CA ASP A 202 6.51 4.36 -5.57
C ASP A 202 6.41 4.30 -4.05
N ASN A 203 7.50 4.68 -3.35
CA ASN A 203 7.59 4.59 -1.91
C ASN A 203 8.07 5.92 -1.31
N SER A 204 7.46 7.01 -1.76
CA SER A 204 7.95 8.33 -1.39
C SER A 204 6.76 9.29 -1.25
N ALA A 205 6.53 9.74 -0.01
CA ALA A 205 5.50 10.73 0.25
C ALA A 205 6.13 12.10 0.07
N ASP A 206 5.87 12.74 -1.07
CA ASP A 206 6.63 13.90 -1.51
C ASP A 206 5.66 14.92 -2.09
N SER A 207 6.20 15.89 -2.83
CA SER A 207 5.41 17.04 -3.27
C SER A 207 4.17 16.62 -4.06
N ARG A 208 4.18 15.44 -4.69
CA ARG A 208 3.00 14.98 -5.41
C ARG A 208 1.78 14.98 -4.48
N TYR A 209 2.00 14.67 -3.21
CA TYR A 209 0.94 14.42 -2.24
C TYR A 209 0.77 15.58 -1.26
N TRP A 210 1.85 16.28 -0.87
CA TRP A 210 1.67 17.35 0.10
C TRP A 210 2.15 18.73 -0.39
N GLY A 211 2.43 18.88 -1.69
CA GLY A 211 2.60 20.21 -2.30
C GLY A 211 4.03 20.74 -2.18
N PHE A 212 4.17 22.06 -2.30
CA PHE A 212 5.48 22.69 -2.52
C PHE A 212 6.21 22.94 -1.21
N VAL A 213 7.53 23.10 -1.31
CA VAL A 213 8.37 23.39 -0.16
C VAL A 213 8.86 24.82 -0.31
N PRO A 214 8.52 25.74 0.64
CA PRO A 214 9.08 27.10 0.62
C PRO A 214 10.57 27.18 0.97
N GLU A 215 11.23 28.18 0.37
CA GLU A 215 12.62 28.53 0.63
C GLU A 215 12.93 28.49 2.12
N ALA A 216 12.06 29.10 2.93
CA ALA A 216 12.25 29.21 4.37
C ALA A 216 12.47 27.86 5.04
N ASN A 217 11.97 26.80 4.41
CA ASN A 217 11.96 25.49 5.03
C ASN A 217 13.21 24.69 4.68
N LEU A 218 14.02 25.15 3.72
CA LEU A 218 15.20 24.40 3.31
C LEU A 218 16.21 24.42 4.45
N VAL A 219 16.89 23.29 4.65
CA VAL A 219 17.96 23.18 5.62
C VAL A 219 19.31 23.15 4.89
N GLY A 220 19.56 22.11 4.09
CA GLY A 220 20.83 22.00 3.39
C GLY A 220 20.79 21.05 2.20
N ARG A 221 21.97 20.87 1.60
CA ARG A 221 22.19 19.96 0.50
C ARG A 221 23.02 18.80 1.04
N ALA A 222 22.61 17.56 0.73
CA ALA A 222 23.37 16.38 1.10
C ALA A 222 24.66 16.33 0.28
N THR A 223 25.81 16.10 0.95
CA THR A 223 27.12 16.16 0.33
C THR A 223 27.84 14.81 0.43
N ALA A 224 27.57 14.04 1.47
CA ALA A 224 28.34 12.83 1.67
C ALA A 224 27.61 11.89 2.60
N ILE A 225 27.96 10.61 2.44
CA ILE A 225 27.68 9.58 3.40
C ILE A 225 28.90 9.42 4.29
N TRP A 226 28.80 9.75 5.57
CA TRP A 226 29.96 9.65 6.45
C TRP A 226 29.94 8.35 7.24
N MET A 227 28.81 7.63 7.22
CA MET A 227 28.71 6.33 7.88
C MET A 227 27.47 5.60 7.37
N SER A 228 27.55 4.28 7.34
CA SER A 228 26.42 3.48 6.92
C SER A 228 26.37 2.18 7.72
N PHE A 229 25.20 1.91 8.31
CA PHE A 229 24.94 0.67 9.02
C PHE A 229 23.93 -0.16 8.24
N ASP A 230 24.18 -1.47 8.15
CA ASP A 230 23.31 -2.37 7.43
C ASP A 230 22.13 -2.74 8.32
N LYS A 231 20.94 -2.21 8.01
CA LYS A 231 19.78 -2.47 8.84
C LYS A 231 18.47 -2.36 8.06
N GLN A 232 17.40 -2.90 8.66
CA GLN A 232 16.03 -2.74 8.18
C GLN A 232 15.38 -1.58 8.93
N GLU A 233 14.23 -1.12 8.40
CA GLU A 233 13.64 0.17 8.73
C GLU A 233 13.50 0.36 10.23
N GLY A 234 12.88 -0.61 10.91
CA GLY A 234 12.67 -0.51 12.35
C GLY A 234 13.67 -1.31 13.17
N GLU A 235 14.48 -2.15 12.50
CA GLU A 235 15.36 -3.10 13.18
C GLU A 235 16.65 -2.39 13.62
N TRP A 236 17.51 -3.14 14.32
CA TRP A 236 18.84 -2.67 14.70
C TRP A 236 19.87 -3.16 13.68
N PRO A 237 21.10 -2.57 13.63
CA PRO A 237 22.05 -2.87 12.57
C PRO A 237 22.57 -4.31 12.54
N THR A 238 22.56 -4.91 11.34
CA THR A 238 23.14 -6.23 11.12
C THR A 238 24.64 -6.10 10.86
N GLY A 239 25.09 -4.97 10.30
CA GLY A 239 26.50 -4.77 10.01
C GLY A 239 26.84 -3.33 9.59
N LEU A 240 28.04 -3.17 9.00
CA LEU A 240 28.53 -1.90 8.48
C LEU A 240 28.61 -2.00 6.96
N ARG A 241 28.23 -0.93 6.25
CA ARG A 241 28.48 -0.82 4.81
C ARG A 241 29.49 0.31 4.59
N LEU A 242 30.76 0.01 4.87
CA LEU A 242 31.82 1.00 4.73
C LEU A 242 32.01 1.38 3.26
N SER A 243 31.60 0.51 2.32
CA SER A 243 31.75 0.75 0.89
C SER A 243 30.96 1.97 0.45
N ARG A 244 30.01 2.39 1.29
CA ARG A 244 29.10 3.46 0.97
C ARG A 244 29.64 4.81 1.44
N ILE A 245 30.70 4.80 2.24
CA ILE A 245 31.24 6.07 2.73
C ILE A 245 31.93 6.79 1.58
N GLY A 246 31.55 8.04 1.37
CA GLY A 246 32.11 8.80 0.26
C GLY A 246 31.06 9.76 -0.29
N GLY A 247 31.19 10.08 -1.58
CA GLY A 247 30.21 10.94 -2.23
C GLY A 247 28.88 10.20 -2.39
N ILE A 248 27.83 10.99 -2.62
CA ILE A 248 26.53 10.49 -2.99
C ILE A 248 26.45 10.54 -4.52
N HIS A 249 26.08 9.42 -5.16
CA HIS A 249 25.78 9.44 -6.58
C HIS A 249 24.59 8.53 -6.91
N ARG B 3 -41.58 -15.58 10.78
CA ARG B 3 -40.49 -14.92 11.55
C ARG B 3 -40.46 -13.43 11.20
N SER B 4 -40.24 -12.60 12.23
CA SER B 4 -40.12 -11.15 12.09
C SER B 4 -38.63 -10.78 12.08
N PHE B 5 -38.14 -10.30 10.92
CA PHE B 5 -36.71 -10.14 10.68
C PHE B 5 -36.35 -8.66 10.63
N ILE B 6 -35.15 -8.32 11.13
CA ILE B 6 -34.65 -6.95 11.03
C ILE B 6 -33.56 -6.89 9.97
N TYR B 7 -33.51 -5.77 9.23
CA TYR B 7 -32.62 -5.64 8.08
C TYR B 7 -31.82 -4.36 8.23
N GLU B 8 -30.59 -4.38 7.74
CA GLU B 8 -29.74 -3.20 7.74
C GLU B 8 -28.91 -3.21 6.46
N ALA B 9 -28.59 -2.03 5.95
CA ALA B 9 -27.78 -1.87 4.77
C ALA B 9 -26.34 -1.48 5.14
N PHE B 10 -25.37 -2.04 4.40
CA PHE B 10 -23.98 -1.71 4.60
C PHE B 10 -23.31 -1.43 3.26
N GLN B 11 -22.31 -0.57 3.32
CA GLN B 11 -21.47 -0.21 2.19
C GLN B 11 -20.18 -1.02 2.30
N ILE B 12 -19.62 -1.44 1.15
CA ILE B 12 -18.41 -2.23 1.10
C ILE B 12 -17.27 -1.34 0.60
N PRO B 13 -16.38 -0.85 1.48
CA PRO B 13 -15.26 0.00 1.06
C PRO B 13 -13.99 -0.76 0.68
N SER B 14 -13.88 -2.04 1.05
CA SER B 14 -12.61 -2.76 0.87
C SER B 14 -12.79 -3.92 -0.09
N GLY B 15 -11.65 -4.52 -0.47
CA GLY B 15 -11.58 -5.58 -1.47
C GLY B 15 -11.49 -6.97 -0.85
N SER B 16 -11.66 -7.07 0.47
CA SER B 16 -11.32 -8.29 1.19
C SER B 16 -12.25 -9.45 0.84
N MET B 17 -13.45 -9.16 0.31
CA MET B 17 -14.44 -10.18 -0.02
C MET B 17 -14.62 -10.35 -1.54
N MET B 18 -13.68 -9.83 -2.34
CA MET B 18 -13.68 -10.05 -3.78
C MET B 18 -13.47 -11.54 -4.06
N PRO B 19 -14.03 -12.13 -5.15
CA PRO B 19 -14.86 -11.45 -6.13
C PRO B 19 -16.35 -11.42 -5.84
N THR B 20 -16.73 -11.99 -4.69
CA THR B 20 -18.12 -12.07 -4.26
C THR B 20 -18.71 -10.68 -3.99
N LEU B 21 -18.02 -9.86 -3.22
CA LEU B 21 -18.45 -8.48 -2.96
C LEU B 21 -17.34 -7.56 -3.42
N LEU B 22 -17.71 -6.51 -4.15
CA LEU B 22 -16.75 -5.58 -4.71
C LEU B 22 -16.82 -4.22 -3.98
N ILE B 23 -15.72 -3.47 -4.05
CA ILE B 23 -15.67 -2.11 -3.57
C ILE B 23 -16.80 -1.34 -4.27
N GLY B 24 -17.61 -0.63 -3.48
CA GLY B 24 -18.71 0.13 -4.02
C GLY B 24 -20.06 -0.60 -4.02
N ASP B 25 -20.08 -1.89 -3.62
CA ASP B 25 -21.33 -2.61 -3.42
C ASP B 25 -22.05 -2.05 -2.19
N PHE B 26 -23.39 -2.01 -2.26
CA PHE B 26 -24.26 -1.80 -1.12
C PHE B 26 -25.06 -3.07 -0.89
N ILE B 27 -24.98 -3.61 0.32
CA ILE B 27 -25.60 -4.89 0.63
C ILE B 27 -26.71 -4.71 1.65
N LEU B 28 -27.54 -5.74 1.73
CA LEU B 28 -28.56 -5.85 2.75
C LEU B 28 -28.21 -7.02 3.66
N VAL B 29 -28.39 -6.79 4.96
CA VAL B 29 -28.07 -7.77 5.99
C VAL B 29 -29.34 -8.08 6.80
N GLU B 30 -29.57 -9.37 7.00
CA GLU B 30 -30.63 -9.89 7.85
C GLU B 30 -30.01 -10.25 9.20
N LYS B 31 -30.47 -9.58 10.27
CA LYS B 31 -29.91 -9.78 11.59
C LYS B 31 -30.30 -11.15 12.13
N PHE B 32 -29.40 -11.72 12.92
CA PHE B 32 -29.62 -13.04 13.51
C PHE B 32 -30.76 -13.01 14.53
N ALA B 33 -30.94 -11.90 15.25
CA ALA B 33 -32.03 -11.81 16.22
C ALA B 33 -33.35 -11.52 15.51
N TYR B 34 -34.37 -12.35 15.76
CA TYR B 34 -35.68 -12.22 15.12
C TYR B 34 -36.81 -12.62 16.08
N GLY B 35 -38.07 -12.39 15.64
CA GLY B 35 -39.28 -12.79 16.35
C GLY B 35 -40.07 -13.85 15.59
N ILE B 46 -38.24 -13.40 21.24
CA ILE B 46 -37.20 -12.95 20.26
C ILE B 46 -36.03 -13.94 20.27
N GLU B 47 -35.96 -14.79 19.22
CA GLU B 47 -34.97 -15.86 19.13
C GLU B 47 -33.79 -15.41 18.25
N THR B 48 -32.64 -16.07 18.45
CA THR B 48 -31.43 -15.80 17.70
C THR B 48 -31.16 -16.98 16.75
N GLY B 49 -30.86 -16.66 15.48
CA GLY B 49 -30.33 -17.63 14.55
C GLY B 49 -28.79 -17.67 14.62
N HIS B 50 -28.21 -18.71 14.00
CA HIS B 50 -26.78 -18.92 14.02
C HIS B 50 -26.29 -19.01 12.57
N PRO B 51 -25.05 -18.56 12.26
CA PRO B 51 -24.48 -18.78 10.94
C PRO B 51 -24.41 -20.25 10.57
N LYS B 52 -24.80 -20.55 9.33
CA LYS B 52 -24.39 -21.78 8.67
C LYS B 52 -22.97 -21.58 8.14
N ARG B 53 -22.26 -22.69 7.99
CA ARG B 53 -20.93 -22.68 7.40
C ARG B 53 -21.00 -22.10 5.98
N GLY B 54 -20.09 -21.18 5.70
CA GLY B 54 -20.03 -20.52 4.40
C GLY B 54 -20.87 -19.24 4.33
N ASP B 55 -21.66 -18.92 5.35
CA ASP B 55 -22.43 -17.67 5.34
C ASP B 55 -21.49 -16.47 5.36
N ILE B 56 -21.88 -15.42 4.62
CA ILE B 56 -21.25 -14.12 4.68
C ILE B 56 -21.87 -13.36 5.86
N VAL B 57 -21.02 -12.90 6.77
CA VAL B 57 -21.50 -12.40 8.06
C VAL B 57 -20.84 -11.07 8.36
N VAL B 58 -21.68 -10.14 8.82
CA VAL B 58 -21.22 -8.90 9.38
C VAL B 58 -21.12 -9.10 10.88
N PHE B 59 -20.07 -8.52 11.49
CA PHE B 59 -19.86 -8.68 12.92
C PHE B 59 -19.01 -7.53 13.44
N LYS B 60 -19.06 -7.33 14.77
CA LYS B 60 -18.21 -6.36 15.43
C LYS B 60 -16.81 -6.95 15.52
N TYR B 61 -15.82 -6.21 15.04
CA TYR B 61 -14.43 -6.63 15.14
C TYR B 61 -14.09 -6.91 16.61
N PRO B 62 -13.71 -8.15 17.00
CA PRO B 62 -13.47 -8.45 18.41
C PRO B 62 -12.47 -7.51 19.09
N GLU B 63 -11.44 -7.06 18.37
CA GLU B 63 -10.41 -6.22 18.95
C GLU B 63 -10.85 -4.76 19.04
N ASP B 64 -11.79 -4.33 18.19
CA ASP B 64 -12.28 -2.96 18.21
C ASP B 64 -13.76 -2.95 17.83
N PRO B 65 -14.66 -3.34 18.77
CA PRO B 65 -16.05 -3.64 18.47
C PRO B 65 -16.91 -2.48 17.99
N LYS B 66 -16.33 -1.28 17.88
CA LYS B 66 -17.03 -0.18 17.25
C LYS B 66 -16.96 -0.28 15.72
N LEU B 67 -16.09 -1.16 15.19
CA LEU B 67 -16.02 -1.41 13.75
C LEU B 67 -16.84 -2.65 13.39
N ASP B 68 -17.62 -2.53 12.31
CA ASP B 68 -18.25 -3.68 11.66
C ASP B 68 -17.34 -4.26 10.59
N TYR B 69 -17.19 -5.59 10.62
CA TYR B 69 -16.43 -6.33 9.62
C TYR B 69 -17.38 -7.25 8.88
N ILE B 70 -16.99 -7.63 7.65
CA ILE B 70 -17.73 -8.62 6.89
C ILE B 70 -16.75 -9.64 6.34
N LYS B 71 -17.02 -10.93 6.62
CA LYS B 71 -16.21 -12.03 6.16
C LYS B 71 -17.11 -13.25 6.04
N ARG B 72 -16.51 -14.38 5.65
CA ARG B 72 -17.22 -15.64 5.56
C ARG B 72 -16.95 -16.48 6.80
N ALA B 73 -18.02 -17.10 7.30
CA ALA B 73 -17.96 -18.04 8.42
C ALA B 73 -17.52 -19.41 7.92
N VAL B 74 -16.22 -19.61 7.89
CA VAL B 74 -15.61 -20.85 7.48
C VAL B 74 -15.56 -21.87 8.63
N GLY B 75 -15.50 -21.40 9.87
CA GLY B 75 -15.37 -22.29 11.02
C GLY B 75 -16.51 -22.11 12.02
N LEU B 76 -17.22 -23.21 12.28
CA LEU B 76 -18.26 -23.26 13.30
C LEU B 76 -17.67 -23.78 14.62
N PRO B 77 -18.37 -23.54 15.76
CA PRO B 77 -18.00 -24.11 17.04
C PRO B 77 -17.58 -25.58 16.97
N GLY B 78 -16.34 -25.84 17.40
CA GLY B 78 -15.84 -27.21 17.49
C GLY B 78 -15.06 -27.64 16.24
N ASP B 79 -15.06 -26.83 15.18
CA ASP B 79 -14.37 -27.20 13.95
C ASP B 79 -12.87 -27.12 14.21
N LYS B 80 -12.14 -28.13 13.73
CA LYS B 80 -10.69 -28.02 13.62
C LYS B 80 -10.38 -27.53 12.22
N VAL B 81 -9.80 -26.33 12.15
CA VAL B 81 -9.52 -25.65 10.90
C VAL B 81 -8.02 -25.69 10.72
N THR B 82 -7.55 -26.09 9.52
CA THR B 82 -6.16 -25.90 9.18
C THR B 82 -6.10 -25.14 7.87
N TYR B 83 -5.12 -24.24 7.77
CA TYR B 83 -4.86 -23.52 6.55
C TYR B 83 -3.43 -23.78 6.09
N ASP B 84 -3.31 -24.33 4.88
CA ASP B 84 -2.02 -24.52 4.25
C ASP B 84 -1.71 -23.26 3.46
N PRO B 85 -0.70 -22.48 3.90
CA PRO B 85 -0.39 -21.20 3.28
C PRO B 85 0.29 -21.32 1.92
N VAL B 86 0.82 -22.49 1.62
CA VAL B 86 1.50 -22.69 0.33
C VAL B 86 0.45 -22.99 -0.74
N SER B 87 -0.42 -23.99 -0.51
CA SER B 87 -1.50 -24.32 -1.44
C SER B 87 -2.68 -23.34 -1.34
N LYS B 88 -2.81 -22.66 -0.19
CA LYS B 88 -3.87 -21.70 0.05
C LYS B 88 -5.22 -22.41 0.10
N GLU B 89 -5.25 -23.54 0.81
CA GLU B 89 -6.44 -24.37 0.95
C GLU B 89 -6.71 -24.68 2.43
N LEU B 90 -7.99 -24.78 2.79
CA LEU B 90 -8.48 -25.14 4.12
C LEU B 90 -8.72 -26.65 4.23
N THR B 91 -8.53 -27.22 5.41
CA THR B 91 -9.14 -28.49 5.80
C THR B 91 -9.99 -28.21 7.03
N ILE B 92 -11.11 -28.92 7.16
CA ILE B 92 -12.02 -28.68 8.26
C ILE B 92 -12.54 -30.03 8.76
N GLN B 93 -12.37 -30.26 10.06
CA GLN B 93 -12.92 -31.42 10.75
C GLN B 93 -13.91 -30.93 11.79
N PRO B 94 -15.24 -31.10 11.59
CA PRO B 94 -16.22 -30.77 12.62
C PRO B 94 -16.17 -31.69 13.85
N GLY B 95 -16.65 -31.20 15.00
CA GLY B 95 -16.80 -31.99 16.22
C GLY B 95 -15.46 -32.47 16.81
N CYS B 96 -14.47 -31.57 16.91
CA CYS B 96 -13.13 -31.91 17.36
C CYS B 96 -12.57 -30.80 18.27
N ALA B 105 -14.56 -35.61 8.94
CA ALA B 105 -13.90 -34.64 8.01
C ALA B 105 -14.95 -33.99 7.10
N LEU B 106 -14.92 -32.66 7.04
CA LEU B 106 -15.83 -31.93 6.18
C LEU B 106 -15.34 -32.07 4.74
N PRO B 107 -16.24 -32.45 3.78
CA PRO B 107 -15.89 -32.43 2.37
C PRO B 107 -15.58 -31.02 1.89
N VAL B 108 -14.36 -30.84 1.38
CA VAL B 108 -13.88 -29.55 0.92
C VAL B 108 -13.24 -29.77 -0.44
N THR B 109 -13.65 -29.00 -1.45
CA THR B 109 -13.12 -29.21 -2.78
C THR B 109 -12.61 -27.87 -3.31
N TYR B 110 -11.65 -27.97 -4.22
CA TYR B 110 -11.10 -26.81 -4.91
C TYR B 110 -11.05 -27.10 -6.40
N SER B 111 -11.42 -26.09 -7.19
CA SER B 111 -11.38 -26.20 -8.63
C SER B 111 -10.03 -25.72 -9.16
N ASN B 112 -9.82 -25.94 -10.46
CA ASN B 112 -8.66 -25.46 -11.22
C ASN B 112 -8.54 -23.95 -11.08
N VAL B 113 -7.34 -23.50 -10.74
CA VAL B 113 -7.00 -22.10 -10.67
C VAL B 113 -7.02 -21.53 -12.09
N GLU B 114 -7.70 -20.41 -12.28
CA GLU B 114 -7.71 -19.69 -13.55
C GLU B 114 -7.47 -18.20 -13.28
N PRO B 115 -7.11 -17.41 -14.31
CA PRO B 115 -7.02 -15.96 -14.14
C PRO B 115 -8.36 -15.32 -13.80
N SER B 116 -8.33 -14.39 -12.85
CA SER B 116 -9.53 -13.69 -12.45
C SER B 116 -9.77 -12.52 -13.40
N ASP B 117 -10.90 -11.82 -13.16
CA ASP B 117 -11.21 -10.59 -13.87
C ASP B 117 -10.45 -9.39 -13.32
N PHE B 118 -9.65 -9.56 -12.26
CA PHE B 118 -9.13 -8.42 -11.50
C PHE B 118 -7.61 -8.35 -11.54
N VAL B 119 -7.12 -7.11 -11.71
CA VAL B 119 -5.71 -6.77 -11.54
C VAL B 119 -5.56 -5.91 -10.29
N GLN B 120 -4.58 -6.25 -9.44
CA GLN B 120 -4.33 -5.51 -8.22
C GLN B 120 -3.13 -4.60 -8.46
N THR B 121 -3.24 -3.35 -7.99
CA THR B 121 -2.20 -2.35 -8.13
C THR B 121 -1.96 -1.71 -6.77
N PHE B 122 -0.70 -1.67 -6.34
CA PHE B 122 -0.31 -0.96 -5.13
C PHE B 122 -0.30 0.56 -5.41
N SER B 123 -0.63 1.33 -4.36
CA SER B 123 -0.63 2.78 -4.44
C SER B 123 -0.49 3.34 -3.04
N ARG B 124 -0.58 4.67 -2.92
CA ARG B 124 -0.51 5.31 -1.62
C ARG B 124 -1.68 6.28 -1.43
N ARG B 125 -2.11 6.37 -0.18
CA ARG B 125 -3.10 7.37 0.24
C ARG B 125 -2.43 8.73 0.23
N ASN B 126 -3.20 9.79 0.42
CA ASN B 126 -2.65 11.13 0.41
C ASN B 126 -1.73 11.30 1.61
N GLY B 127 -2.10 10.67 2.74
CA GLY B 127 -1.32 10.74 3.96
C GLY B 127 -0.07 9.85 3.91
N GLY B 128 0.04 9.01 2.86
CA GLY B 128 1.29 8.30 2.60
C GLY B 128 1.24 6.83 3.03
N GLU B 129 0.08 6.36 3.54
CA GLU B 129 -0.08 4.97 3.90
C GLU B 129 -0.21 4.11 2.64
N ALA B 130 0.36 2.90 2.70
CA ALA B 130 0.26 1.91 1.63
C ALA B 130 -1.18 1.44 1.50
N THR B 131 -1.67 1.39 0.26
CA THR B 131 -2.99 0.86 -0.02
C THR B 131 -2.92 0.04 -1.31
N SER B 132 -4.07 -0.42 -1.79
CA SER B 132 -4.09 -1.06 -3.09
C SER B 132 -5.44 -0.80 -3.74
N GLY B 133 -5.43 -0.89 -5.06
CA GLY B 133 -6.62 -0.79 -5.86
C GLY B 133 -6.80 -2.08 -6.66
N PHE B 134 -8.03 -2.28 -7.15
CA PHE B 134 -8.39 -3.41 -7.96
C PHE B 134 -9.06 -2.86 -9.20
N PHE B 135 -8.69 -3.41 -10.36
CA PHE B 135 -9.26 -2.98 -11.60
C PHE B 135 -9.78 -4.21 -12.32
N GLU B 136 -10.98 -4.07 -12.85
CA GLU B 136 -11.56 -5.08 -13.71
C GLU B 136 -10.94 -4.89 -15.08
N VAL B 137 -10.19 -5.90 -15.55
CA VAL B 137 -9.46 -5.81 -16.81
C VAL B 137 -9.76 -7.07 -17.62
N PRO B 138 -10.25 -6.94 -18.87
CA PRO B 138 -10.52 -8.13 -19.68
C PRO B 138 -9.35 -9.12 -19.64
N LYS B 139 -9.66 -10.42 -19.68
CA LYS B 139 -8.69 -11.48 -19.45
C LYS B 139 -7.67 -11.57 -20.59
N ASN B 140 -8.02 -11.03 -21.76
CA ASN B 140 -7.15 -11.08 -22.93
C ASN B 140 -6.35 -9.78 -23.10
N GLU B 141 -6.37 -8.90 -22.09
CA GLU B 141 -5.61 -7.66 -22.12
C GLU B 141 -4.69 -7.60 -20.91
N THR B 142 -3.74 -6.65 -20.95
CA THR B 142 -2.79 -6.44 -19.87
C THR B 142 -2.91 -5.00 -19.36
N LYS B 143 -2.70 -4.82 -18.05
CA LYS B 143 -2.58 -3.50 -17.46
C LYS B 143 -1.09 -3.30 -17.18
N GLU B 144 -0.56 -2.12 -17.55
CA GLU B 144 0.88 -1.85 -17.50
C GLU B 144 1.43 -2.13 -16.10
N ASN B 145 0.79 -1.60 -15.06
CA ASN B 145 1.30 -1.73 -13.72
C ASN B 145 0.26 -2.41 -12.84
N GLY B 146 0.54 -3.66 -12.49
CA GLY B 146 -0.34 -4.39 -11.60
C GLY B 146 -0.13 -5.89 -11.73
N ILE B 147 -0.81 -6.65 -10.87
CA ILE B 147 -0.70 -8.09 -10.93
C ILE B 147 -2.09 -8.73 -11.07
N ARG B 148 -2.20 -9.61 -12.07
CA ARG B 148 -3.40 -10.37 -12.33
C ARG B 148 -3.59 -11.36 -11.18
N LEU B 149 -4.75 -11.27 -10.53
CA LEU B 149 -5.10 -12.19 -9.47
C LEU B 149 -5.65 -13.47 -10.08
N SER B 150 -5.47 -14.55 -9.33
CA SER B 150 -5.97 -15.86 -9.70
C SER B 150 -7.28 -16.11 -8.96
N GLU B 151 -8.10 -16.98 -9.54
CA GLU B 151 -9.42 -17.29 -9.03
C GLU B 151 -9.61 -18.80 -9.03
N ARG B 152 -10.40 -19.26 -8.06
CA ARG B 152 -10.89 -20.62 -8.05
C ARG B 152 -12.14 -20.72 -7.17
N LYS B 153 -12.75 -21.92 -7.20
CA LYS B 153 -13.95 -22.18 -6.44
C LYS B 153 -13.59 -23.06 -5.26
N GLU B 154 -14.10 -22.66 -4.10
CA GLU B 154 -13.97 -23.42 -2.88
C GLU B 154 -15.37 -23.86 -2.48
N THR B 155 -15.50 -25.15 -2.20
CA THR B 155 -16.76 -25.69 -1.73
C THR B 155 -16.52 -26.13 -0.29
N LEU B 156 -17.30 -25.56 0.64
CA LEU B 156 -17.30 -26.00 2.03
C LEU B 156 -18.61 -26.70 2.34
N GLY B 157 -18.58 -28.03 2.46
CA GLY B 157 -19.81 -28.81 2.52
C GLY B 157 -20.62 -28.69 1.23
N ASP B 158 -21.76 -28.02 1.31
CA ASP B 158 -22.69 -27.89 0.20
C ASP B 158 -22.67 -26.46 -0.33
N VAL B 159 -21.79 -25.59 0.22
CA VAL B 159 -21.70 -24.20 -0.19
C VAL B 159 -20.47 -24.02 -1.08
N THR B 160 -20.69 -23.46 -2.28
CA THR B 160 -19.62 -23.11 -3.20
C THR B 160 -19.53 -21.60 -3.33
N HIS B 161 -18.30 -21.07 -3.38
CA HIS B 161 -18.06 -19.66 -3.61
C HIS B 161 -16.69 -19.54 -4.27
N ARG B 162 -16.37 -18.34 -4.75
CA ARG B 162 -15.06 -18.06 -5.30
C ARG B 162 -14.11 -17.43 -4.28
N ILE B 163 -12.83 -17.62 -4.54
CA ILE B 163 -11.75 -16.94 -3.85
C ILE B 163 -10.78 -16.39 -4.88
N LEU B 164 -10.10 -15.31 -4.49
CA LEU B 164 -8.98 -14.76 -5.23
C LEU B 164 -7.69 -15.07 -4.48
N THR B 165 -6.60 -15.24 -5.23
CA THR B 165 -5.26 -15.37 -4.66
C THR B 165 -4.28 -14.52 -5.47
N VAL B 166 -3.27 -13.99 -4.76
CA VAL B 166 -2.19 -13.22 -5.37
C VAL B 166 -1.05 -14.18 -5.62
N PRO B 167 -0.62 -14.45 -6.87
CA PRO B 167 0.34 -15.52 -7.12
C PRO B 167 1.70 -15.32 -6.44
N ILE B 168 2.11 -14.07 -6.16
CA ILE B 168 3.43 -13.79 -5.59
C ILE B 168 3.34 -13.60 -4.08
N ALA B 169 2.19 -13.89 -3.48
CA ALA B 169 2.02 -13.65 -2.05
C ALA B 169 1.96 -14.97 -1.31
N GLN B 170 2.30 -14.92 -0.02
CA GLN B 170 2.22 -16.07 0.85
C GLN B 170 2.15 -15.56 2.28
N ASP B 171 1.22 -16.13 3.06
CA ASP B 171 1.06 -15.74 4.45
C ASP B 171 2.34 -16.05 5.25
N GLN B 172 2.75 -15.10 6.08
CA GLN B 172 3.81 -15.32 7.04
C GLN B 172 3.18 -15.87 8.30
N VAL B 173 3.25 -17.18 8.48
CA VAL B 173 2.51 -17.86 9.51
C VAL B 173 2.95 -17.41 10.90
N GLY B 174 4.19 -16.91 11.00
CA GLY B 174 4.70 -16.35 12.25
C GLY B 174 3.83 -15.22 12.79
N MET B 175 3.29 -14.40 11.87
CA MET B 175 2.46 -13.26 12.24
C MET B 175 1.02 -13.68 12.50
N TYR B 176 0.72 -14.98 12.47
CA TYR B 176 -0.64 -15.45 12.68
C TYR B 176 -1.03 -15.33 14.15
N TYR B 177 -2.35 -15.29 14.40
CA TYR B 177 -2.91 -15.59 15.70
C TYR B 177 -2.66 -17.06 15.97
N GLN B 178 -1.88 -17.34 17.03
CA GLN B 178 -1.60 -18.70 17.43
C GLN B 178 -2.45 -19.02 18.66
N GLN B 179 -3.27 -20.07 18.55
CA GLN B 179 -4.13 -20.48 19.64
C GLN B 179 -3.27 -21.26 20.64
N PRO B 180 -3.39 -20.99 21.97
CA PRO B 180 -2.64 -21.76 22.96
C PRO B 180 -2.96 -23.26 22.91
N GLY B 181 -1.91 -24.08 22.80
CA GLY B 181 -2.06 -25.53 22.77
C GLY B 181 -2.13 -26.10 21.35
N GLN B 182 -1.99 -25.24 20.34
CA GLN B 182 -2.09 -25.67 18.95
C GLN B 182 -0.86 -25.19 18.20
N GLN B 183 -0.48 -25.96 17.17
CA GLN B 183 0.57 -25.55 16.24
C GLN B 183 0.03 -24.40 15.39
N LEU B 184 0.97 -23.65 14.78
CA LEU B 184 0.65 -22.55 13.90
C LEU B 184 -0.16 -23.04 12.71
N ALA B 185 -1.22 -22.29 12.39
CA ALA B 185 -2.03 -22.48 11.19
C ALA B 185 -3.03 -23.61 11.41
N THR B 186 -3.24 -23.99 12.67
CA THR B 186 -4.31 -24.90 13.06
C THR B 186 -5.06 -24.23 14.22
N TRP B 187 -6.38 -24.37 14.24
CA TRP B 187 -7.22 -23.76 15.26
C TRP B 187 -8.38 -24.70 15.55
N ILE B 188 -8.76 -24.79 16.81
CA ILE B 188 -9.97 -25.50 17.20
C ILE B 188 -10.93 -24.41 17.67
N VAL B 189 -12.10 -24.34 17.04
CA VAL B 189 -12.97 -23.19 17.25
C VAL B 189 -13.71 -23.41 18.57
N PRO B 190 -13.53 -22.52 19.57
CA PRO B 190 -14.19 -22.69 20.88
C PRO B 190 -15.71 -22.66 20.79
N PRO B 191 -16.44 -23.16 21.81
CA PRO B 191 -17.89 -23.07 21.83
C PRO B 191 -18.40 -21.64 21.72
N GLY B 192 -19.55 -21.47 21.05
CA GLY B 192 -20.14 -20.17 20.78
C GLY B 192 -19.19 -19.17 20.10
N GLN B 193 -18.29 -19.67 19.22
CA GLN B 193 -17.38 -18.79 18.51
C GLN B 193 -17.22 -19.21 17.04
N TYR B 194 -16.55 -18.36 16.26
CA TYR B 194 -16.52 -18.52 14.81
C TYR B 194 -15.16 -18.14 14.28
N PHE B 195 -14.76 -18.82 13.18
CA PHE B 195 -13.55 -18.54 12.43
C PHE B 195 -13.95 -17.94 11.07
N MET B 196 -13.48 -16.71 10.81
CA MET B 196 -13.92 -15.89 9.69
C MET B 196 -12.77 -15.72 8.71
N MET B 197 -13.05 -15.83 7.39
CA MET B 197 -12.04 -15.54 6.38
C MET B 197 -12.62 -14.77 5.20
N GLY B 198 -11.80 -13.89 4.63
CA GLY B 198 -12.18 -13.15 3.45
C GLY B 198 -11.91 -13.98 2.19
N ASP B 199 -12.74 -13.78 1.16
CA ASP B 199 -12.62 -14.50 -0.09
C ASP B 199 -11.42 -14.02 -0.89
N ASN B 200 -11.03 -12.76 -0.68
CA ASN B 200 -9.82 -12.23 -1.29
C ASN B 200 -8.65 -12.56 -0.36
N ARG B 201 -8.06 -13.73 -0.56
CA ARG B 201 -7.47 -14.48 0.54
C ARG B 201 -6.10 -13.94 0.94
N ASP B 202 -5.42 -13.22 0.06
CA ASP B 202 -4.13 -12.60 0.36
C ASP B 202 -4.33 -11.11 0.66
N ASN B 203 -5.59 -10.66 0.75
CA ASN B 203 -5.91 -9.26 0.98
C ASN B 203 -7.00 -9.18 2.05
N SER B 204 -6.85 -9.98 3.10
CA SER B 204 -7.87 -10.12 4.12
C SER B 204 -7.24 -10.33 5.49
N ALA B 205 -7.35 -9.30 6.33
CA ALA B 205 -7.04 -9.39 7.75
C ALA B 205 -8.25 -9.96 8.48
N ASP B 206 -8.18 -11.26 8.80
CA ASP B 206 -9.31 -12.03 9.27
C ASP B 206 -8.85 -12.92 10.44
N SER B 207 -9.60 -13.99 10.73
CA SER B 207 -9.41 -14.79 11.93
C SER B 207 -8.02 -15.44 11.98
N ARG B 208 -7.38 -15.58 10.82
CA ARG B 208 -6.01 -16.08 10.79
C ARG B 208 -5.12 -15.17 11.65
N TYR B 209 -5.38 -13.86 11.62
CA TYR B 209 -4.49 -12.90 12.23
C TYR B 209 -5.02 -12.41 13.59
N TRP B 210 -6.34 -12.43 13.83
CA TRP B 210 -6.80 -11.89 15.10
C TRP B 210 -7.72 -12.82 15.85
N GLY B 211 -7.85 -14.08 15.42
CA GLY B 211 -8.54 -15.09 16.20
C GLY B 211 -10.04 -15.12 15.93
N PHE B 212 -10.78 -15.65 16.91
CA PHE B 212 -12.17 -16.02 16.75
C PHE B 212 -13.11 -14.83 16.95
N VAL B 213 -14.38 -15.05 16.58
CA VAL B 213 -15.42 -14.06 16.71
C VAL B 213 -16.50 -14.66 17.61
N PRO B 214 -16.75 -14.06 18.79
CA PRO B 214 -17.84 -14.52 19.66
C PRO B 214 -19.22 -14.34 19.02
N GLU B 215 -20.13 -15.25 19.37
CA GLU B 215 -21.54 -15.18 19.00
C GLU B 215 -22.13 -13.80 19.24
N ALA B 216 -21.74 -13.17 20.36
CA ALA B 216 -22.34 -11.91 20.77
C ALA B 216 -22.03 -10.80 19.77
N ASN B 217 -20.90 -10.92 19.06
CA ASN B 217 -20.44 -9.91 18.13
C ASN B 217 -21.15 -9.94 16.77
N LEU B 218 -21.93 -10.99 16.49
CA LEU B 218 -22.55 -11.19 15.19
C LEU B 218 -23.70 -10.21 15.00
N VAL B 219 -23.70 -9.53 13.85
CA VAL B 219 -24.79 -8.65 13.47
C VAL B 219 -25.79 -9.40 12.58
N GLY B 220 -25.34 -9.94 11.43
CA GLY B 220 -26.26 -10.65 10.55
C GLY B 220 -25.61 -11.24 9.30
N ARG B 221 -26.47 -11.73 8.41
CA ARG B 221 -26.08 -12.47 7.22
C ARG B 221 -26.35 -11.60 6.00
N ALA B 222 -25.37 -11.46 5.11
CA ALA B 222 -25.58 -10.69 3.88
C ALA B 222 -26.55 -11.45 2.98
N THR B 223 -27.63 -10.82 2.53
CA THR B 223 -28.66 -11.50 1.76
C THR B 223 -28.69 -10.98 0.32
N ALA B 224 -28.29 -9.72 0.08
CA ALA B 224 -28.40 -9.18 -1.27
C ALA B 224 -27.47 -8.00 -1.49
N ILE B 225 -27.25 -7.69 -2.76
CA ILE B 225 -26.67 -6.45 -3.23
C ILE B 225 -27.82 -5.64 -3.82
N TRP B 226 -28.13 -4.49 -3.20
CA TRP B 226 -29.25 -3.67 -3.67
C TRP B 226 -28.75 -2.50 -4.51
N MET B 227 -27.45 -2.26 -4.54
CA MET B 227 -26.87 -1.19 -5.35
C MET B 227 -25.36 -1.43 -5.42
N SER B 228 -24.76 -0.91 -6.48
CA SER B 228 -23.34 -1.10 -6.70
C SER B 228 -22.80 0.03 -7.58
N PHE B 229 -21.74 0.68 -7.08
CA PHE B 229 -21.04 1.73 -7.79
C PHE B 229 -19.65 1.25 -8.20
N ASP B 230 -19.25 1.55 -9.42
CA ASP B 230 -17.89 1.32 -9.87
C ASP B 230 -17.03 2.43 -9.27
N LYS B 231 -16.15 2.08 -8.32
CA LYS B 231 -15.32 3.07 -7.67
C LYS B 231 -14.07 2.44 -7.07
N GLN B 232 -13.05 3.29 -6.90
CA GLN B 232 -11.81 2.90 -6.23
C GLN B 232 -11.95 3.24 -4.74
N GLU B 233 -11.14 2.56 -3.92
CA GLU B 233 -11.29 2.49 -2.48
C GLU B 233 -11.48 3.89 -1.87
N GLY B 234 -10.71 4.89 -2.32
CA GLY B 234 -10.76 6.21 -1.72
C GLY B 234 -11.53 7.26 -2.52
N GLU B 235 -11.87 6.98 -3.79
CA GLU B 235 -12.31 8.02 -4.72
C GLU B 235 -13.81 7.97 -4.97
N TRP B 236 -14.32 8.95 -5.74
CA TRP B 236 -15.73 9.05 -6.08
C TRP B 236 -16.07 8.12 -7.24
N PRO B 237 -17.37 7.82 -7.49
CA PRO B 237 -17.75 6.81 -8.48
C PRO B 237 -17.45 7.18 -9.94
N THR B 238 -17.08 6.18 -10.73
CA THR B 238 -16.84 6.33 -12.16
C THR B 238 -18.02 5.75 -12.95
N GLY B 239 -18.98 5.09 -12.28
CA GLY B 239 -20.06 4.40 -12.97
C GLY B 239 -20.81 3.41 -12.06
N LEU B 240 -21.77 2.69 -12.66
CA LEU B 240 -22.66 1.78 -11.95
C LEU B 240 -22.36 0.35 -12.36
N ARG B 241 -22.70 -0.61 -11.48
CA ARG B 241 -22.63 -2.02 -11.82
C ARG B 241 -23.98 -2.65 -11.48
N LEU B 242 -24.97 -2.37 -12.34
CA LEU B 242 -26.34 -2.75 -12.11
C LEU B 242 -26.53 -4.25 -12.28
N SER B 243 -25.66 -4.87 -13.07
CA SER B 243 -25.59 -6.32 -13.23
C SER B 243 -25.37 -7.06 -11.90
N ARG B 244 -24.90 -6.35 -10.86
CA ARG B 244 -24.56 -7.01 -9.61
C ARG B 244 -25.76 -7.01 -8.64
N ILE B 245 -26.78 -6.22 -8.92
CA ILE B 245 -27.94 -6.16 -8.05
C ILE B 245 -28.67 -7.49 -8.14
N GLY B 246 -29.02 -8.04 -6.97
CA GLY B 246 -29.56 -9.38 -6.90
C GLY B 246 -28.98 -10.14 -5.72
N GLY B 247 -28.94 -11.46 -5.86
CA GLY B 247 -28.40 -12.33 -4.82
C GLY B 247 -26.88 -12.26 -4.78
N ILE B 248 -26.29 -12.78 -3.70
CA ILE B 248 -24.85 -12.84 -3.58
C ILE B 248 -24.42 -14.26 -3.97
N HIS B 249 -23.43 -14.36 -4.88
CA HIS B 249 -22.97 -15.62 -5.43
C HIS B 249 -21.43 -15.68 -5.48
N DSE C 1 -29.38 2.38 7.67
CA DSE C 1 -27.99 2.15 8.06
C DSE C 1 -27.10 2.89 7.07
O DSE C 1 -26.96 4.05 7.17
CB DSE C 1 -27.66 2.63 9.46
CN DSE C 1 -29.94 3.72 7.69
OG DSE C 1 -28.22 1.70 10.35
N DAL C 2 -26.47 2.14 6.00
CA DAL C 2 -25.63 2.83 5.05
CB DAL C 2 -25.62 2.01 3.76
C DAL C 2 -24.23 2.97 5.65
O DAL C 2 -23.39 3.56 5.11
N GLY C 3 -23.89 2.36 6.92
CA GLY C 3 -22.55 2.50 7.43
C GLY C 3 -21.66 1.53 6.67
N 5PG C 4 -20.26 1.55 6.98
CA 5PG C 4 -19.43 0.64 6.23
C 5PG C 4 -19.21 -0.70 6.95
O 5PG C 4 -19.44 -0.80 8.12
CN 5PG C 4 -19.74 2.48 7.97
CB 5PG C 4 -18.07 1.30 6.02
CC1 5PG C 4 -17.92 2.39 5.28
CC2 5PG C 4 -16.87 0.69 6.74
CD1 5PG C 4 -16.55 3.03 5.13
CD2 5PG C 4 -15.69 1.24 6.61
CE 5PG C 4 -15.53 2.47 5.75
OH 5PG C 4 -14.28 3.01 5.61
N ALA C 5 -18.71 -1.81 6.14
CA ALA C 5 -18.39 -3.11 6.73
C ALA C 5 -16.98 -3.38 6.18
N TYR C 6 -15.87 -3.56 7.10
CA TYR C 6 -14.51 -3.72 6.59
C TYR C 6 -14.28 -5.19 6.33
N DSE D 1 24.09 17.15 15.20
CA DSE D 1 22.75 16.72 14.76
C DSE D 1 22.55 15.25 15.09
O DSE D 1 22.27 14.94 16.19
CB DSE D 1 21.61 17.53 15.36
CN DSE D 1 24.38 17.37 16.60
OG DSE D 1 21.85 18.88 15.11
N DAL D 2 22.70 14.23 14.06
CA DAL D 2 22.49 12.84 14.41
CB DAL D 2 23.26 11.91 13.47
C DAL D 2 20.97 12.61 14.38
O DAL D 2 20.51 11.56 14.64
N GLY D 3 20.08 13.70 14.08
CA GLY D 3 18.65 13.51 14.05
C GLY D 3 18.23 12.78 12.77
N 5PG D 4 16.84 12.47 12.57
CA 5PG D 4 16.54 11.71 11.39
C 5PG D 4 16.01 12.64 10.32
O 5PG D 4 15.58 13.66 10.66
CN 5PG D 4 15.83 12.81 13.56
CB 5PG D 4 15.46 10.68 11.73
CC1 5PG D 4 15.66 9.65 12.51
CC2 5PG D 4 14.08 10.88 11.15
CD1 5PG D 4 14.52 8.66 12.80
CD2 5PG D 4 13.12 10.07 11.38
CE 5PG D 4 13.33 8.86 12.26
OH 5PG D 4 12.24 8.01 12.50
N ALA D 5 16.07 12.18 8.94
CA ALA D 5 15.51 12.92 7.80
C ALA D 5 14.63 11.83 7.15
N TYR D 6 13.21 12.06 7.02
CA TYR D 6 12.23 11.09 6.49
C TYR D 6 12.07 11.27 4.97
C1 EDO E . 23.71 13.96 -6.96
O1 EDO E . 22.74 14.98 -6.81
C2 EDO E . 23.38 12.72 -6.23
O2 EDO E . 22.28 11.99 -6.80
C1 EDO F . -22.40 -16.26 -1.02
O1 EDO F . -21.14 -16.68 -1.56
C2 EDO F . -23.21 -17.37 -0.47
O2 EDO F . -22.56 -18.11 0.54
C1 M12 G . -30.21 1.28 7.21
O1 M12 G . -29.73 0.21 7.19
C2 M12 G . -31.67 1.52 6.77
C3 M12 G . -32.33 0.35 6.03
C4 M12 G . -31.73 0.17 4.61
C5 M12 G . -32.76 0.25 3.46
C6 M12 G . -32.93 -1.08 2.68
C7 M12 G . -32.34 -1.04 1.27
C8 M12 G . -33.39 -0.60 0.25
C9 M12 G . -32.77 0.06 -0.99
C10 M12 G . -33.86 0.82 -1.78
C11 M12 G . -33.69 2.35 -1.73
C1 M12 H . 25.15 17.34 14.23
O1 M12 H . 24.94 17.15 13.08
C2 M12 H . 26.56 17.78 14.68
C3 M12 H . 27.49 18.16 13.52
C4 M12 H . 28.50 17.04 13.24
C5 M12 H . 28.82 17.00 11.74
C6 M12 H . 30.16 16.29 11.46
C7 M12 H . 29.95 14.81 11.12
C8 M12 H . 31.29 14.16 10.73
C9 M12 H . 31.58 12.98 11.69
C10 M12 H . 32.54 11.92 11.16
C11 M12 H . 32.32 11.75 9.67
#